data_8XKG
#
_entry.id   8XKG
#
_cell.length_a   71.515
_cell.length_b   82.065
_cell.length_c   83.806
_cell.angle_alpha   90.00
_cell.angle_beta   90.00
_cell.angle_gamma   90.00
#
_symmetry.space_group_name_H-M   'P 21 21 21'
#
loop_
_entity.id
_entity.type
_entity.pdbx_description
1 polymer '2-C-methyl-D-erythritol 4-phosphate cytidylyltransferase'
2 non-polymer GLYCEROL
3 water water
#
_entity_poly.entity_id   1
_entity_poly.type   'polypeptide(L)'
_entity_poly.pdbx_seq_one_letter_code
;MHHHHHHMTKLWAVIPAAGSGSRFSKTELKQYQYIQDATVIEHTVKRLSQLPLTGYVLAIGKQDTFASTLSFQDKHKAHF
CNGGVERVHSVLNALNYLSQIADEDDWVLVHDAARPCVTFECLNTLVKNAIETNQSAILAIPVRDTLKQVNQEQQIDKTV
SRELLWQAQTPQIAKIGILKKAIETALKNNLTITDEASALESIGESVQVVMGRSDNIKITYPDDLELARLILQSQN
;
_entity_poly.pdbx_strand_id   A,B
#
loop_
_chem_comp.id
_chem_comp.type
_chem_comp.name
_chem_comp.formula
GOL non-polymer GLYCEROL 'C3 H8 O3'
#
# COMPACT_ATOMS: atom_id res chain seq x y z
N HIS A 3 3.69 24.76 31.10
CA HIS A 3 4.87 24.47 30.31
C HIS A 3 4.74 23.11 29.69
N HIS A 4 4.95 23.01 28.38
CA HIS A 4 4.71 21.77 27.68
C HIS A 4 5.96 21.19 27.01
N HIS A 5 7.10 21.88 27.11
CA HIS A 5 8.36 21.43 26.50
C HIS A 5 9.33 21.03 27.62
N HIS A 6 9.58 19.73 27.73
CA HIS A 6 10.33 19.19 28.86
C HIS A 6 11.47 18.31 28.38
N HIS A 7 12.59 18.34 29.09
CA HIS A 7 13.67 17.40 28.79
C HIS A 7 13.24 15.97 29.10
N MET A 8 12.77 15.73 30.33
CA MET A 8 12.40 14.39 30.73
C MET A 8 11.14 13.96 30.00
N THR A 9 11.21 12.79 29.36
CA THR A 9 10.17 12.30 28.47
C THR A 9 9.79 10.88 28.87
N LYS A 10 8.51 10.57 28.76
CA LYS A 10 8.03 9.19 28.92
C LYS A 10 7.28 8.80 27.66
N LEU A 11 7.33 7.51 27.32
CA LEU A 11 6.67 6.98 26.15
C LEU A 11 5.61 5.97 26.57
N TRP A 12 4.43 6.07 25.97
CA TRP A 12 3.35 5.11 26.16
C TRP A 12 2.90 4.63 24.80
N ALA A 13 2.36 3.42 24.76
CA ALA A 13 1.77 2.90 23.54
C ALA A 13 0.30 2.56 23.79
N VAL A 14 -0.51 2.78 22.76
CA VAL A 14 -1.93 2.43 22.77
C VAL A 14 -2.21 1.56 21.56
N ILE A 15 -2.87 0.44 21.78
CA ILE A 15 -3.32 -0.44 20.72
C ILE A 15 -4.83 -0.51 20.79
N PRO A 16 -5.53 0.19 19.90
CA PRO A 16 -7.00 0.25 19.90
C PRO A 16 -7.72 -0.85 19.12
N ALA A 17 -8.77 -1.36 19.71
CA ALA A 17 -9.63 -2.32 19.02
C ALA A 17 -10.94 -1.61 18.68
N ALA A 18 -11.77 -2.25 17.88
CA ALA A 18 -13.08 -1.73 17.55
C ALA A 18 -14.11 -2.84 17.73
N GLY A 19 -15.26 -2.49 18.29
CA GLY A 19 -16.34 -3.46 18.43
C GLY A 19 -16.22 -4.31 19.67
N SER A 20 -17.20 -5.22 19.82
CA SER A 20 -17.38 -5.95 21.06
C SER A 20 -16.27 -6.97 21.32
N GLY A 21 -15.69 -7.53 20.26
CA GLY A 21 -14.68 -8.56 20.43
C GLY A 21 -15.20 -9.85 21.03
N SER A 22 -16.48 -10.16 20.82
CA SER A 22 -17.07 -11.35 21.41
C SER A 22 -16.34 -12.61 20.94
N ARG A 23 -16.14 -13.55 21.88
CA ARG A 23 -15.50 -14.80 21.53
C ARG A 23 -16.38 -15.68 20.65
N PHE A 24 -17.64 -15.31 20.43
CA PHE A 24 -18.58 -16.14 19.71
C PHE A 24 -18.92 -15.57 18.34
N SER A 25 -18.11 -14.64 17.84
CA SER A 25 -18.28 -14.18 16.47
C SER A 25 -17.81 -15.26 15.50
N LYS A 26 -18.38 -15.25 14.29
CA LYS A 26 -18.04 -16.25 13.28
C LYS A 26 -16.73 -15.97 12.56
N THR A 27 -16.33 -14.70 12.50
CA THR A 27 -15.11 -14.31 11.83
C THR A 27 -14.04 -14.01 12.87
N GLU A 28 -12.86 -14.62 12.71
CA GLU A 28 -11.78 -14.38 13.66
C GLU A 28 -11.15 -13.02 13.39
N LEU A 29 -10.82 -12.33 14.48
CA LEU A 29 -10.12 -11.06 14.39
C LEU A 29 -8.67 -11.32 13.98
N LYS A 30 -8.18 -10.53 13.03
CA LYS A 30 -6.83 -10.74 12.53
C LYS A 30 -5.76 -10.60 13.63
N GLN A 31 -6.00 -9.73 14.61
CA GLN A 31 -4.98 -9.52 15.64
C GLN A 31 -4.78 -10.74 16.53
N TYR A 32 -5.72 -11.69 16.52
CA TYR A 32 -5.60 -12.88 17.36
C TYR A 32 -5.24 -14.13 16.58
N GLN A 33 -4.96 -14.02 15.28
CA GLN A 33 -4.43 -15.15 14.55
C GLN A 33 -2.97 -15.36 14.90
N TYR A 34 -2.48 -16.57 14.64
CA TYR A 34 -1.17 -16.95 15.13
C TYR A 34 -0.12 -16.81 14.03
N ILE A 35 1.04 -16.39 14.44
CA ILE A 35 2.24 -16.37 13.65
C ILE A 35 3.24 -17.12 14.55
N GLN A 36 3.62 -18.31 14.11
CA GLN A 36 4.36 -19.21 14.94
C GLN A 36 3.59 -19.48 16.20
N ASP A 37 4.19 -19.24 17.32
CA ASP A 37 3.58 -19.60 18.55
C ASP A 37 2.93 -18.52 19.38
N ALA A 38 2.65 -17.41 18.76
CA ALA A 38 2.01 -16.30 19.46
C ALA A 38 1.03 -15.57 18.52
N THR A 39 0.00 -14.90 19.04
CA THR A 39 -0.92 -14.10 18.24
C THR A 39 -0.20 -12.89 17.63
N VAL A 40 -0.84 -12.35 16.59
CA VAL A 40 -0.34 -11.14 15.93
C VAL A 40 -0.12 -10.04 16.95
N ILE A 41 -1.09 -9.82 17.84
CA ILE A 41 -1.01 -8.71 18.78
C ILE A 41 0.12 -8.91 19.78
N GLU A 42 0.40 -10.16 20.16
CA GLU A 42 1.56 -10.42 21.00
C GLU A 42 2.84 -10.02 20.29
N HIS A 43 2.96 -10.38 19.02
CA HIS A 43 4.09 -9.93 18.21
C HIS A 43 4.16 -8.40 18.19
N THR A 44 3.03 -7.74 17.98
CA THR A 44 3.03 -6.28 17.91
C THR A 44 3.51 -5.67 19.21
N VAL A 45 2.97 -6.14 20.34
CA VAL A 45 3.38 -5.64 21.64
C VAL A 45 4.87 -5.89 21.85
N LYS A 46 5.37 -7.05 21.46
CA LYS A 46 6.78 -7.34 21.62
C LYS A 46 7.64 -6.37 20.82
N ARG A 47 7.22 -6.05 19.60
CA ARG A 47 7.97 -5.12 18.77
C ARG A 47 7.96 -3.72 19.37
N LEU A 48 6.78 -3.23 19.76
CA LEU A 48 6.71 -1.90 20.37
C LEU A 48 7.50 -1.83 21.66
N SER A 49 7.56 -2.94 22.40
CA SER A 49 8.24 -2.99 23.69
C SER A 49 9.75 -2.85 23.56
N GLN A 50 10.29 -2.88 22.34
CA GLN A 50 11.70 -2.60 22.16
C GLN A 50 12.02 -1.13 22.40
N LEU A 51 11.00 -0.26 22.33
CA LEU A 51 11.15 1.12 22.75
C LEU A 51 11.19 1.22 24.27
N PRO A 52 11.70 2.33 24.81
CA PRO A 52 11.66 2.52 26.28
C PRO A 52 10.27 2.97 26.76
N LEU A 53 9.32 2.05 26.70
CA LEU A 53 7.96 2.35 27.12
C LEU A 53 7.84 2.31 28.63
N THR A 54 7.11 3.29 29.17
CA THR A 54 6.70 3.22 30.57
C THR A 54 5.53 2.25 30.75
N GLY A 55 4.67 2.17 29.74
CA GLY A 55 3.54 1.25 29.77
C GLY A 55 2.88 1.23 28.41
N TYR A 56 2.00 0.23 28.23
CA TYR A 56 1.17 0.16 27.04
C TYR A 56 -0.24 -0.20 27.44
N VAL A 57 -1.21 0.33 26.67
CA VAL A 57 -2.63 0.18 26.95
C VAL A 57 -3.28 -0.52 25.76
N LEU A 58 -3.96 -1.61 26.03
CA LEU A 58 -4.78 -2.29 25.03
C LEU A 58 -6.23 -1.94 25.32
N ALA A 59 -6.87 -1.25 24.38
CA ALA A 59 -8.29 -0.94 24.49
C ALA A 59 -9.03 -2.07 23.81
N ILE A 60 -9.73 -2.89 24.59
CA ILE A 60 -10.29 -4.11 24.04
C ILE A 60 -11.81 -4.09 24.19
N GLY A 61 -12.46 -4.89 23.34
CA GLY A 61 -13.91 -4.94 23.34
C GLY A 61 -14.46 -5.46 24.65
N LYS A 62 -15.63 -5.01 25.00
CA LYS A 62 -16.24 -5.35 26.23
C LYS A 62 -16.52 -6.81 26.43
N GLN A 63 -16.66 -7.53 25.33
CA GLN A 63 -16.90 -8.96 25.40
C GLN A 63 -15.63 -9.77 25.14
N ASP A 64 -14.48 -9.10 25.02
CA ASP A 64 -13.21 -9.74 24.70
C ASP A 64 -12.57 -10.19 26.01
N THR A 65 -12.71 -11.47 26.33
CA THR A 65 -12.10 -12.06 27.51
C THR A 65 -10.76 -12.73 27.20
N PHE A 66 -10.27 -12.58 25.98
CA PHE A 66 -9.06 -13.26 25.52
C PHE A 66 -7.78 -12.46 25.77
N ALA A 67 -7.79 -11.16 25.44
CA ALA A 67 -6.56 -10.38 25.40
C ALA A 67 -5.84 -10.34 26.75
N SER A 68 -6.58 -10.19 27.84
CA SER A 68 -5.92 -10.01 29.13
C SER A 68 -5.24 -11.28 29.61
N THR A 69 -5.61 -12.44 29.05
CA THR A 69 -5.05 -13.72 29.41
C THR A 69 -3.74 -14.05 28.69
N LEU A 70 -3.28 -13.19 27.79
CA LEU A 70 -2.14 -13.51 26.95
C LEU A 70 -0.83 -13.17 27.63
N SER A 71 0.22 -13.90 27.28
CA SER A 71 1.52 -13.78 27.95
C SER A 71 2.36 -12.76 27.20
N PHE A 72 1.96 -11.51 27.36
CA PHE A 72 2.58 -10.40 26.65
C PHE A 72 4.00 -10.15 27.14
N GLN A 73 4.85 -9.72 26.21
CA GLN A 73 6.15 -9.18 26.59
C GLN A 73 5.99 -8.04 27.58
N ASP A 74 6.77 -8.07 28.65
CA ASP A 74 6.77 -7.02 29.66
C ASP A 74 5.35 -6.78 30.19
N LYS A 75 4.66 -7.88 30.52
CA LYS A 75 3.30 -7.78 31.00
C LYS A 75 3.17 -6.81 32.18
N HIS A 76 4.23 -6.67 32.98
CA HIS A 76 4.17 -5.75 34.12
C HIS A 76 3.93 -4.31 33.67
N LYS A 77 4.13 -4.02 32.38
CA LYS A 77 3.88 -2.70 31.81
C LYS A 77 2.51 -2.62 31.13
N ALA A 78 1.76 -3.73 31.11
CA ALA A 78 0.52 -3.82 30.35
C ALA A 78 -0.66 -3.23 31.11
N HIS A 79 -1.54 -2.54 30.38
CA HIS A 79 -2.80 -2.01 30.88
C HIS A 79 -3.93 -2.34 29.92
N PHE A 80 -5.12 -2.54 30.48
CA PHE A 80 -6.29 -2.90 29.70
C PHE A 80 -7.43 -1.93 30.03
N CYS A 81 -8.10 -1.42 29.00
CA CYS A 81 -9.28 -0.59 29.21
C CYS A 81 -10.33 -0.97 28.18
N ASN A 82 -11.53 -0.40 28.34
CA ASN A 82 -12.63 -0.69 27.44
C ASN A 82 -12.45 0.02 26.11
N GLY A 83 -12.67 -0.72 25.02
CA GLY A 83 -12.74 -0.12 23.71
C GLY A 83 -14.12 0.45 23.43
N GLY A 84 -14.24 1.01 22.23
CA GLY A 84 -15.50 1.62 21.82
C GLY A 84 -16.03 1.01 20.55
N VAL A 85 -17.07 1.60 19.98
CA VAL A 85 -17.64 1.09 18.72
C VAL A 85 -16.64 1.24 17.59
N GLU A 86 -16.05 2.42 17.46
CA GLU A 86 -15.08 2.70 16.42
C GLU A 86 -13.69 2.86 17.03
N ARG A 87 -12.68 2.72 16.18
CA ARG A 87 -11.29 2.77 16.63
C ARG A 87 -11.00 4.06 17.39
N VAL A 88 -11.50 5.19 16.87
CA VAL A 88 -11.22 6.48 17.49
C VAL A 88 -11.79 6.53 18.91
N HIS A 89 -12.94 5.89 19.12
CA HIS A 89 -13.52 5.86 20.47
C HIS A 89 -12.63 5.06 21.41
N SER A 90 -12.12 3.92 20.94
CA SER A 90 -11.18 3.15 21.74
C SER A 90 -9.92 3.96 22.07
N VAL A 91 -9.42 4.72 21.10
CA VAL A 91 -8.25 5.54 21.37
C VAL A 91 -8.57 6.58 22.44
N LEU A 92 -9.70 7.26 22.31
CA LEU A 92 -10.07 8.27 23.30
C LEU A 92 -10.20 7.65 24.69
N ASN A 93 -10.83 6.48 24.79
CA ASN A 93 -10.92 5.79 26.07
C ASN A 93 -9.54 5.55 26.66
N ALA A 94 -8.61 5.05 25.84
CA ALA A 94 -7.27 4.76 26.32
C ALA A 94 -6.55 6.04 26.74
N LEU A 95 -6.79 7.15 26.04
CA LEU A 95 -6.17 8.42 26.42
C LEU A 95 -6.77 8.93 27.73
N ASN A 96 -8.07 8.72 27.94
CA ASN A 96 -8.69 9.08 29.21
C ASN A 96 -8.14 8.22 30.34
N TYR A 97 -7.88 6.94 30.04
CA TYR A 97 -7.22 6.07 31.01
C TYR A 97 -5.82 6.56 31.32
N LEU A 98 -5.01 6.80 30.27
CA LEU A 98 -3.64 7.25 30.46
C LEU A 98 -3.57 8.57 31.23
N SER A 99 -4.55 9.46 31.02
CA SER A 99 -4.53 10.75 31.67
C SER A 99 -4.53 10.65 33.19
N GLN A 100 -5.02 9.55 33.74
CA GLN A 100 -5.07 9.39 35.18
C GLN A 100 -3.88 8.63 35.75
N ILE A 101 -2.99 8.12 34.91
CA ILE A 101 -1.77 7.47 35.38
C ILE A 101 -0.51 8.08 34.79
N ALA A 102 -0.65 9.10 33.95
CA ALA A 102 0.49 9.68 33.26
C ALA A 102 0.34 11.19 33.22
N ASP A 103 1.40 11.86 32.80
CA ASP A 103 1.39 13.29 32.60
C ASP A 103 0.88 13.64 31.21
N GLU A 104 0.17 14.76 31.12
CA GLU A 104 -0.41 15.20 29.85
C GLU A 104 0.66 15.39 28.78
N ASP A 105 1.88 15.74 29.19
CA ASP A 105 2.96 16.03 28.25
C ASP A 105 3.80 14.80 27.93
N ASP A 106 3.47 13.64 28.47
CA ASP A 106 4.06 12.39 28.01
C ASP A 106 3.60 12.10 26.57
N TRP A 107 4.38 11.32 25.85
CA TRP A 107 4.09 10.96 24.48
C TRP A 107 3.39 9.61 24.40
N VAL A 108 2.44 9.48 23.48
CA VAL A 108 1.74 8.22 23.27
C VAL A 108 1.83 7.84 21.79
N LEU A 109 2.22 6.59 21.53
CA LEU A 109 2.23 6.01 20.20
C LEU A 109 0.97 5.17 20.04
N VAL A 110 0.10 5.54 19.11
CA VAL A 110 -1.08 4.77 18.80
C VAL A 110 -0.77 3.91 17.59
N HIS A 111 -0.96 2.59 17.73
CA HIS A 111 -0.48 1.66 16.71
C HIS A 111 -1.50 0.56 16.43
N ASP A 112 -1.65 0.22 15.15
CA ASP A 112 -2.53 -0.87 14.74
C ASP A 112 -2.09 -2.21 15.34
N ALA A 113 -3.04 -2.92 15.95
CA ALA A 113 -2.74 -4.26 16.45
C ALA A 113 -2.24 -5.17 15.35
N ALA A 114 -2.73 -4.98 14.13
CA ALA A 114 -2.43 -5.87 13.01
C ALA A 114 -1.20 -5.42 12.21
N ARG A 115 -0.33 -4.61 12.80
CA ARG A 115 0.91 -4.19 12.15
C ARG A 115 2.05 -4.64 13.06
N PRO A 116 2.47 -5.92 12.95
CA PRO A 116 3.50 -6.41 13.87
C PRO A 116 4.88 -6.24 13.27
N CYS A 117 4.98 -5.81 12.01
CA CYS A 117 6.25 -5.80 11.28
C CYS A 117 6.91 -4.43 11.23
N VAL A 118 6.32 -3.41 11.84
CA VAL A 118 6.97 -2.10 11.89
C VAL A 118 8.36 -2.29 12.47
N THR A 119 9.36 -1.66 11.85
CA THR A 119 10.72 -1.93 12.25
C THR A 119 11.13 -1.06 13.43
N PHE A 120 12.02 -1.62 14.26
CA PHE A 120 12.57 -0.88 15.38
C PHE A 120 13.24 0.40 14.91
N GLU A 121 13.92 0.33 13.76
CA GLU A 121 14.57 1.52 13.21
C GLU A 121 13.54 2.60 12.89
N CYS A 122 12.41 2.20 12.29
CA CYS A 122 11.35 3.15 11.98
C CYS A 122 10.74 3.71 13.25
N LEU A 123 10.52 2.85 14.25
CA LEU A 123 10.03 3.32 15.54
C LEU A 123 10.97 4.35 16.15
N ASN A 124 12.24 4.06 16.08
CA ASN A 124 13.20 4.97 16.68
C ASN A 124 13.23 6.31 16.00
N THR A 125 13.20 6.29 14.68
CA THR A 125 13.21 7.55 13.94
C THR A 125 11.96 8.36 14.20
N LEU A 126 10.81 7.71 14.26
CA LEU A 126 9.55 8.39 14.56
C LEU A 126 9.61 9.06 15.93
N VAL A 127 10.02 8.30 16.95
CA VAL A 127 10.08 8.83 18.31
C VAL A 127 11.09 9.96 18.38
N LYS A 128 12.28 9.74 17.83
CA LYS A 128 13.34 10.75 17.82
C LYS A 128 12.84 12.04 17.20
N ASN A 129 12.25 11.93 16.01
CA ASN A 129 11.70 13.08 15.29
C ASN A 129 10.69 13.84 16.14
N ALA A 130 9.70 13.13 16.68
CA ALA A 130 8.66 13.80 17.44
C ALA A 130 9.22 14.49 18.67
N ILE A 131 10.08 13.80 19.41
CA ILE A 131 10.62 14.37 20.65
C ILE A 131 11.47 15.60 20.36
N GLU A 132 12.31 15.53 19.33
CA GLU A 132 13.20 16.65 19.02
C GLU A 132 12.44 17.86 18.50
N THR A 133 11.56 17.64 17.54
CA THR A 133 10.80 18.75 17.00
C THR A 133 9.70 19.21 17.94
N ASN A 134 9.42 18.42 18.98
CA ASN A 134 8.33 18.70 19.92
C ASN A 134 6.98 18.78 19.21
N GLN A 135 6.79 17.97 18.17
CA GLN A 135 5.57 17.98 17.39
C GLN A 135 5.16 16.54 17.06
N SER A 136 3.87 16.37 16.78
CA SER A 136 3.31 15.07 16.43
C SER A 136 3.90 14.56 15.12
N ALA A 137 3.85 13.24 14.93
CA ALA A 137 4.41 12.63 13.73
C ALA A 137 3.72 11.30 13.46
N ILE A 138 3.79 10.87 12.20
CA ILE A 138 3.29 9.57 11.78
C ILE A 138 4.28 8.93 10.83
N LEU A 139 4.27 7.61 10.78
CA LEU A 139 4.87 6.88 9.67
C LEU A 139 3.94 6.93 8.47
N ALA A 140 4.53 7.11 7.29
CA ALA A 140 3.78 7.13 6.04
C ALA A 140 4.74 6.82 4.90
N ILE A 141 4.17 6.40 3.77
CA ILE A 141 4.97 6.19 2.57
C ILE A 141 4.27 6.90 1.40
N PRO A 142 5.00 7.38 0.41
CA PRO A 142 4.37 8.04 -0.72
C PRO A 142 3.47 7.10 -1.52
N VAL A 143 2.42 7.68 -2.10
CA VAL A 143 1.57 6.96 -3.04
C VAL A 143 2.36 6.74 -4.32
N ARG A 144 2.48 5.46 -4.73
CA ARG A 144 3.22 5.12 -5.94
C ARG A 144 2.34 4.69 -7.10
N ASP A 145 1.11 4.25 -6.85
CA ASP A 145 0.19 3.83 -7.89
C ASP A 145 -0.62 5.02 -8.41
N THR A 146 -0.96 4.96 -9.69
CA THR A 146 -1.87 5.95 -10.25
C THR A 146 -3.27 5.74 -9.66
N LEU A 147 -3.89 6.83 -9.21
CA LEU A 147 -5.18 6.76 -8.54
C LEU A 147 -6.32 6.97 -9.53
N LYS A 148 -7.37 6.15 -9.40
CA LYS A 148 -8.54 6.20 -10.27
C LYS A 148 -9.80 6.37 -9.46
N GLN A 149 -10.69 7.27 -9.89
CA GLN A 149 -12.05 7.31 -9.36
C GLN A 149 -12.88 6.30 -10.12
N VAL A 150 -13.56 5.42 -9.38
CA VAL A 150 -14.25 4.27 -9.96
C VAL A 150 -15.70 4.31 -9.56
N ASN A 151 -16.56 4.12 -10.53
CA ASN A 151 -17.97 4.15 -10.20
C ASN A 151 -18.48 2.79 -9.78
N GLN A 152 -19.78 2.85 -9.37
CA GLN A 152 -20.53 1.70 -8.87
C GLN A 152 -20.63 0.57 -9.81
N GLU A 153 -20.39 0.85 -11.08
CA GLU A 153 -20.41 -0.17 -12.09
C GLU A 153 -19.00 -0.68 -12.42
N GLN A 154 -18.06 -0.33 -11.54
CA GLN A 154 -16.64 -0.69 -11.64
C GLN A 154 -15.92 -0.12 -12.87
N GLN A 155 -16.39 1.02 -13.38
CA GLN A 155 -15.78 1.64 -14.47
C GLN A 155 -14.99 2.82 -13.96
N ILE A 156 -13.93 3.13 -14.62
CA ILE A 156 -13.12 4.28 -14.25
C ILE A 156 -13.83 5.55 -14.69
N ASP A 157 -13.98 6.50 -13.75
CA ASP A 157 -14.49 7.83 -14.09
C ASP A 157 -13.38 8.72 -14.64
N LYS A 158 -12.28 8.82 -13.91
CA LYS A 158 -11.17 9.69 -14.27
C LYS A 158 -9.96 9.34 -13.41
N THR A 159 -8.80 9.79 -13.86
CA THR A 159 -7.58 9.73 -13.07
C THR A 159 -7.54 10.87 -12.08
N VAL A 160 -7.13 10.57 -10.85
CA VAL A 160 -7.04 11.54 -9.76
C VAL A 160 -5.58 11.79 -9.46
N SER A 161 -5.21 13.06 -9.30
CA SER A 161 -3.81 13.40 -9.05
C SER A 161 -3.31 12.75 -7.76
N ARG A 162 -2.08 12.27 -7.80
CA ARG A 162 -1.41 11.71 -6.63
C ARG A 162 -0.26 12.60 -6.18
N GLU A 163 -0.19 13.78 -6.72
CA GLU A 163 0.83 14.70 -6.38
C GLU A 163 0.75 15.02 -4.89
N LEU A 164 1.90 14.91 -4.21
CA LEU A 164 2.05 15.17 -2.78
C LEU A 164 1.24 14.25 -1.87
N LEU A 165 0.72 13.14 -2.38
CA LEU A 165 -0.10 12.26 -1.57
C LEU A 165 0.74 11.14 -0.94
N TRP A 166 0.49 10.88 0.34
CA TRP A 166 1.12 9.78 1.06
C TRP A 166 0.06 8.89 1.68
N GLN A 167 0.40 7.60 1.82
CA GLN A 167 -0.42 6.63 2.54
C GLN A 167 0.02 6.61 4.01
N ALA A 168 -0.89 7.00 4.90
CA ALA A 168 -0.59 6.96 6.33
C ALA A 168 -0.45 5.52 6.83
N GLN A 169 0.56 5.31 7.67
CA GLN A 169 0.75 4.07 8.41
C GLN A 169 0.67 4.42 9.89
N THR A 170 0.92 3.44 10.74
CA THR A 170 1.10 3.66 12.17
C THR A 170 2.43 3.07 12.61
N PRO A 171 2.96 3.50 13.78
CA PRO A 171 2.39 4.40 14.79
C PRO A 171 2.22 5.85 14.37
N GLN A 172 1.32 6.48 15.12
CA GLN A 172 1.10 7.91 15.08
C GLN A 172 1.31 8.40 16.50
N ILE A 173 2.23 9.36 16.66
CA ILE A 173 2.73 9.73 17.98
C ILE A 173 2.39 11.19 18.26
N ALA A 174 1.94 11.46 19.49
CA ALA A 174 1.59 12.81 19.92
C ALA A 174 1.60 12.83 21.44
N LYS A 175 1.58 14.04 21.99
CA LYS A 175 1.44 14.17 23.44
C LYS A 175 0.03 13.81 23.86
N ILE A 176 -0.08 13.17 25.03
CA ILE A 176 -1.37 12.63 25.49
C ILE A 176 -2.43 13.72 25.55
N GLY A 177 -2.12 14.83 26.21
CA GLY A 177 -3.13 15.86 26.40
C GLY A 177 -3.57 16.49 25.09
N ILE A 178 -2.60 16.72 24.19
CA ILE A 178 -2.90 17.35 22.91
C ILE A 178 -3.79 16.44 22.07
N LEU A 179 -3.42 15.15 21.96
CA LEU A 179 -4.19 14.23 21.16
C LEU A 179 -5.59 13.99 21.74
N LYS A 180 -5.67 13.84 23.06
CA LYS A 180 -6.97 13.67 23.71
C LYS A 180 -7.88 14.85 23.43
N LYS A 181 -7.33 16.07 23.45
CA LYS A 181 -8.14 17.25 23.18
C LYS A 181 -8.53 17.32 21.72
N ALA A 182 -7.61 16.95 20.83
CA ALA A 182 -7.91 16.91 19.40
C ALA A 182 -9.09 15.97 19.11
N ILE A 183 -9.06 14.77 19.69
CA ILE A 183 -10.11 13.80 19.40
C ILE A 183 -11.43 14.27 19.99
N GLU A 184 -11.40 14.79 21.21
CA GLU A 184 -12.63 15.30 21.83
C GLU A 184 -13.26 16.40 20.99
N THR A 185 -12.44 17.34 20.53
CA THR A 185 -12.96 18.44 19.72
C THR A 185 -13.51 17.94 18.39
N ALA A 186 -12.75 17.06 17.72
CA ALA A 186 -13.18 16.57 16.41
C ALA A 186 -14.50 15.81 16.52
N LEU A 187 -14.66 15.01 17.57
CA LEU A 187 -15.93 14.32 17.78
C LEU A 187 -17.07 15.31 18.04
N LYS A 188 -16.78 16.40 18.74
CA LYS A 188 -17.81 17.34 19.12
C LYS A 188 -18.21 18.20 17.94
N ASN A 189 -17.35 18.27 16.93
CA ASN A 189 -17.62 18.94 15.67
C ASN A 189 -18.15 17.99 14.60
N ASN A 190 -18.49 16.76 14.97
CA ASN A 190 -19.05 15.78 14.04
C ASN A 190 -18.17 15.61 12.81
N LEU A 191 -16.86 15.59 13.02
CA LEU A 191 -15.91 15.33 11.94
C LEU A 191 -15.71 13.84 11.74
N THR A 192 -15.41 13.46 10.51
CA THR A 192 -15.05 12.07 10.26
C THR A 192 -13.57 11.91 10.62
N ILE A 193 -13.28 11.02 11.55
CA ILE A 193 -11.93 10.85 12.05
C ILE A 193 -11.51 9.44 11.68
N THR A 194 -10.38 9.34 10.98
CA THR A 194 -9.83 8.09 10.53
C THR A 194 -8.57 7.65 11.27
N ASP A 195 -7.64 8.58 11.50
CA ASP A 195 -6.46 8.27 12.26
C ASP A 195 -6.25 9.45 13.22
N GLU A 196 -5.25 9.30 14.08
CA GLU A 196 -4.96 10.34 15.06
C GLU A 196 -4.53 11.64 14.37
N ALA A 197 -3.76 11.50 13.28
CA ALA A 197 -3.33 12.68 12.53
C ALA A 197 -4.52 13.51 12.06
N SER A 198 -5.58 12.85 11.58
CA SER A 198 -6.72 13.61 11.10
C SER A 198 -7.37 14.41 12.23
N ALA A 199 -7.37 13.88 13.45
CA ALA A 199 -7.88 14.66 14.58
C ALA A 199 -6.95 15.82 14.91
N LEU A 200 -5.64 15.58 14.93
CA LEU A 200 -4.70 16.66 15.20
C LEU A 200 -4.78 17.74 14.13
N GLU A 201 -5.01 17.34 12.88
CA GLU A 201 -5.06 18.32 11.80
C GLU A 201 -6.26 19.21 11.97
N SER A 202 -7.36 18.65 12.48
CA SER A 202 -8.60 19.38 12.65
C SER A 202 -8.50 20.53 13.63
N ILE A 203 -7.52 20.51 14.54
CA ILE A 203 -7.37 21.59 15.50
C ILE A 203 -6.10 22.42 15.21
N GLY A 204 -5.54 22.27 14.02
CA GLY A 204 -4.40 23.08 13.63
C GLY A 204 -3.06 22.66 14.21
N GLU A 205 -2.96 21.44 14.71
CA GLU A 205 -1.69 20.92 15.19
C GLU A 205 -0.86 20.43 14.01
N SER A 206 0.41 20.78 13.98
CA SER A 206 1.28 20.30 12.91
C SER A 206 1.58 18.81 13.12
N VAL A 207 1.61 18.06 12.02
CA VAL A 207 1.96 16.64 12.07
C VAL A 207 3.01 16.40 11.00
N GLN A 208 4.17 15.86 11.41
CA GLN A 208 5.25 15.58 10.49
C GLN A 208 5.25 14.12 10.04
N VAL A 209 5.51 13.90 8.76
CA VAL A 209 5.54 12.56 8.20
C VAL A 209 6.97 12.03 8.28
N VAL A 210 7.11 10.79 8.75
CA VAL A 210 8.38 10.09 8.78
C VAL A 210 8.24 8.88 7.88
N MET A 211 9.22 8.64 7.02
CA MET A 211 9.11 7.58 6.03
C MET A 211 8.93 6.21 6.69
N GLY A 212 7.86 5.53 6.33
CA GLY A 212 7.62 4.16 6.75
C GLY A 212 8.24 3.16 5.81
N ARG A 213 7.60 2.03 5.69
CA ARG A 213 8.04 0.99 4.84
C ARG A 213 6.92 0.25 4.17
N SER A 214 7.24 -0.33 3.06
CA SER A 214 6.27 -1.14 2.38
C SER A 214 5.91 -2.44 3.16
N ASP A 215 6.91 -2.94 3.87
CA ASP A 215 6.74 -4.12 4.66
C ASP A 215 6.07 -3.94 6.04
N ASN A 216 5.65 -2.70 6.31
CA ASN A 216 4.89 -2.42 7.51
C ASN A 216 3.41 -2.69 7.16
N ILE A 217 3.11 -3.98 6.98
CA ILE A 217 1.83 -4.38 6.39
C ILE A 217 0.81 -4.43 7.54
N LYS A 218 -0.44 -4.16 7.18
CA LYS A 218 -1.51 -4.33 8.12
C LYS A 218 -2.19 -5.62 7.67
N ILE A 219 -2.17 -6.61 8.54
CA ILE A 219 -2.68 -7.93 8.18
C ILE A 219 -4.19 -7.84 7.96
N THR A 220 -4.60 -8.05 6.72
CA THR A 220 -5.94 -7.89 6.34
C THR A 220 -6.51 -9.01 5.44
N TYR A 221 -5.77 -9.31 4.43
CA TYR A 221 -6.16 -10.30 3.43
C TYR A 221 -5.66 -11.69 3.84
N PRO A 222 -6.22 -12.72 3.21
CA PRO A 222 -5.86 -14.10 3.58
C PRO A 222 -4.36 -14.48 3.60
N ASP A 223 -3.59 -14.03 2.66
CA ASP A 223 -2.20 -14.34 2.59
C ASP A 223 -1.31 -13.42 3.41
N ASP A 224 -1.91 -12.39 4.01
CA ASP A 224 -1.11 -11.45 4.79
C ASP A 224 -0.51 -12.09 6.04
N LEU A 225 -1.17 -13.09 6.63
CA LEU A 225 -0.62 -13.75 7.81
C LEU A 225 0.70 -14.42 7.50
N GLU A 226 0.74 -15.19 6.40
CA GLU A 226 1.97 -15.85 5.98
C GLU A 226 3.06 -14.84 5.63
N LEU A 227 2.71 -13.80 4.88
CA LEU A 227 3.70 -12.79 4.51
C LEU A 227 4.29 -12.12 5.75
N ALA A 228 3.44 -11.78 6.72
CA ALA A 228 3.94 -11.20 7.96
C ALA A 228 4.87 -12.17 8.67
N ARG A 229 4.55 -13.46 8.67
CA ARG A 229 5.45 -14.46 9.24
C ARG A 229 6.81 -14.40 8.57
N LEU A 230 6.83 -14.31 7.24
CA LEU A 230 8.10 -14.27 6.51
C LEU A 230 8.85 -12.96 6.79
N ILE A 231 8.12 -11.84 6.90
CA ILE A 231 8.78 -10.58 7.21
C ILE A 231 9.41 -10.63 8.60
N LEU A 232 8.64 -11.06 9.60
CA LEU A 232 9.17 -11.15 10.96
C LEU A 232 10.39 -12.06 11.03
N GLN A 233 10.38 -13.13 10.27
CA GLN A 233 11.48 -14.08 10.24
C GLN A 233 12.69 -13.47 9.61
N SER A 234 12.50 -12.62 8.63
CA SER A 234 13.61 -11.91 8.00
C SER A 234 14.17 -10.81 8.88
N GLN A 235 13.45 -10.38 9.91
CA GLN A 235 13.90 -9.27 10.76
C GLN A 235 14.74 -9.74 11.94
N THR B 9 -8.82 -15.03 -31.15
CA THR B 9 -8.00 -13.85 -30.83
C THR B 9 -6.74 -14.16 -30.00
N LYS B 10 -5.62 -13.59 -30.36
CA LYS B 10 -4.40 -13.86 -29.67
C LYS B 10 -4.10 -12.86 -28.55
N LEU B 11 -3.22 -13.25 -27.66
CA LEU B 11 -2.83 -12.42 -26.54
C LEU B 11 -1.36 -12.07 -26.66
N TRP B 12 -1.08 -10.79 -26.42
CA TRP B 12 0.28 -10.27 -26.44
C TRP B 12 0.54 -9.52 -25.14
N ALA B 13 1.81 -9.45 -24.76
CA ALA B 13 2.22 -8.64 -23.63
C ALA B 13 3.25 -7.61 -24.06
N VAL B 14 3.19 -6.44 -23.42
CA VAL B 14 4.15 -5.37 -23.64
C VAL B 14 4.72 -4.97 -22.28
N ILE B 15 6.03 -4.91 -22.18
CA ILE B 15 6.70 -4.46 -20.95
C ILE B 15 7.55 -3.25 -21.28
N PRO B 16 7.18 -2.04 -20.83
CA PRO B 16 8.06 -0.90 -21.11
C PRO B 16 9.24 -1.01 -20.16
N ALA B 17 10.43 -1.06 -20.73
CA ALA B 17 11.63 -1.31 -19.94
C ALA B 17 12.78 -0.42 -20.36
N ALA B 18 12.52 0.87 -20.54
CA ALA B 18 13.58 1.78 -20.97
C ALA B 18 13.70 2.97 -20.04
N LEU B 29 18.57 0.44 -12.95
CA LEU B 29 17.14 0.14 -13.05
C LEU B 29 16.74 -0.99 -12.14
N LYS B 30 15.63 -0.83 -11.42
CA LYS B 30 15.16 -1.88 -10.53
C LYS B 30 14.90 -3.16 -11.30
N GLN B 31 14.52 -3.05 -12.57
CA GLN B 31 14.16 -4.22 -13.36
C GLN B 31 15.34 -5.17 -13.59
N TYR B 32 16.57 -4.68 -13.42
CA TYR B 32 17.74 -5.52 -13.60
C TYR B 32 18.39 -5.88 -12.27
N GLN B 33 17.67 -5.60 -11.19
CA GLN B 33 18.06 -5.97 -9.84
C GLN B 33 17.68 -7.46 -9.69
N TYR B 34 18.31 -8.15 -8.75
CA TYR B 34 18.06 -9.57 -8.60
C TYR B 34 17.11 -9.89 -7.45
N ILE B 35 16.30 -10.90 -7.69
CA ILE B 35 15.51 -11.56 -6.68
C ILE B 35 15.96 -13.03 -6.81
N GLN B 36 16.81 -13.47 -5.88
CA GLN B 36 17.44 -14.81 -5.90
C GLN B 36 18.34 -15.01 -7.15
N ASP B 37 18.02 -15.97 -8.02
CA ASP B 37 18.83 -16.23 -9.22
C ASP B 37 18.44 -15.54 -10.54
N ALA B 38 17.44 -14.68 -10.51
CA ALA B 38 17.04 -14.00 -11.72
C ALA B 38 16.76 -12.52 -11.46
N THR B 39 16.80 -11.72 -12.53
CA THR B 39 16.45 -10.31 -12.40
C THR B 39 14.94 -10.16 -12.20
N VAL B 40 14.56 -8.99 -11.71
CA VAL B 40 13.15 -8.66 -11.53
C VAL B 40 12.39 -8.86 -12.83
N ILE B 41 12.94 -8.35 -13.94
CA ILE B 41 12.21 -8.42 -15.20
C ILE B 41 12.07 -9.86 -15.68
N GLU B 42 13.07 -10.72 -15.40
CA GLU B 42 12.93 -12.13 -15.73
C GLU B 42 11.78 -12.77 -14.96
N HIS B 43 11.71 -12.49 -13.65
CA HIS B 43 10.58 -12.97 -12.86
C HIS B 43 9.26 -12.50 -13.45
N THR B 44 9.19 -11.22 -13.84
CA THR B 44 7.96 -10.67 -14.40
C THR B 44 7.59 -11.40 -15.69
N VAL B 45 8.56 -11.59 -16.58
CA VAL B 45 8.30 -12.28 -17.83
C VAL B 45 7.83 -13.71 -17.57
N LYS B 46 8.46 -14.39 -16.62
CA LYS B 46 8.07 -15.77 -16.32
C LYS B 46 6.63 -15.83 -15.81
N ARG B 47 6.25 -14.88 -14.97
CA ARG B 47 4.88 -14.86 -14.47
C ARG B 47 3.89 -14.58 -15.60
N LEU B 48 4.17 -13.56 -16.43
CA LEU B 48 3.28 -13.27 -17.55
C LEU B 48 3.23 -14.43 -18.54
N SER B 49 4.34 -15.18 -18.68
CA SER B 49 4.40 -16.27 -19.62
C SER B 49 3.49 -17.44 -19.26
N GLN B 50 2.92 -17.44 -18.05
CA GLN B 50 1.94 -18.46 -17.72
C GLN B 50 0.62 -18.26 -18.45
N LEU B 51 0.36 -17.06 -18.96
CA LEU B 51 -0.77 -16.86 -19.87
C LEU B 51 -0.45 -17.47 -21.23
N PRO B 52 -1.49 -17.75 -22.04
CA PRO B 52 -1.23 -18.26 -23.41
C PRO B 52 -0.88 -17.13 -24.38
N LEU B 53 0.30 -16.55 -24.17
CA LEU B 53 0.75 -15.44 -24.99
C LEU B 53 1.26 -15.95 -26.33
N THR B 54 0.92 -15.22 -27.39
CA THR B 54 1.57 -15.46 -28.67
C THR B 54 2.96 -14.85 -28.69
N GLY B 55 3.15 -13.74 -27.99
CA GLY B 55 4.46 -13.13 -27.86
C GLY B 55 4.43 -12.02 -26.84
N TYR B 56 5.62 -11.58 -26.45
CA TYR B 56 5.76 -10.44 -25.56
C TYR B 56 6.87 -9.54 -26.08
N VAL B 57 6.71 -8.24 -25.84
CA VAL B 57 7.61 -7.23 -26.37
C VAL B 57 8.21 -6.46 -25.20
N LEU B 58 9.53 -6.41 -25.14
CA LEU B 58 10.26 -5.59 -24.18
C LEU B 58 10.78 -4.35 -24.91
N ALA B 59 10.30 -3.18 -24.50
CA ALA B 59 10.76 -1.92 -25.07
C ALA B 59 11.93 -1.41 -24.23
N ILE B 60 13.14 -1.47 -24.80
CA ILE B 60 14.35 -1.23 -24.04
C ILE B 60 15.07 -0.01 -24.60
N GLY B 61 15.95 0.55 -23.77
CA GLY B 61 16.72 1.71 -24.21
C GLY B 61 17.65 1.37 -25.35
N LYS B 62 17.90 2.37 -26.19
CA LYS B 62 18.72 2.16 -27.39
C LYS B 62 20.14 1.72 -27.05
N GLN B 63 20.63 2.03 -25.85
CA GLN B 63 21.98 1.68 -25.43
C GLN B 63 22.02 0.45 -24.53
N ASP B 64 20.89 -0.26 -24.39
CA ASP B 64 20.74 -1.37 -23.44
C ASP B 64 21.23 -2.66 -24.09
N THR B 65 22.43 -3.08 -23.74
CA THR B 65 22.96 -4.38 -24.15
C THR B 65 22.79 -5.45 -23.09
N PHE B 66 22.14 -5.13 -21.97
CA PHE B 66 22.04 -6.08 -20.86
C PHE B 66 20.88 -7.04 -21.08
N ALA B 67 19.77 -6.51 -21.58
CA ALA B 67 18.58 -7.32 -21.84
C ALA B 67 18.87 -8.46 -22.81
N SER B 68 19.99 -8.37 -23.51
CA SER B 68 20.37 -9.39 -24.47
C SER B 68 21.12 -10.54 -23.78
N THR B 69 21.51 -10.33 -22.54
CA THR B 69 22.23 -11.34 -21.77
C THR B 69 21.33 -11.97 -20.72
N LEU B 70 20.04 -12.05 -21.01
CA LEU B 70 19.07 -12.63 -20.09
C LEU B 70 18.42 -13.88 -20.68
N SER B 71 18.14 -14.85 -19.83
CA SER B 71 17.52 -16.11 -20.29
C SER B 71 16.04 -15.99 -19.94
N PHE B 72 15.27 -15.41 -20.85
CA PHE B 72 13.87 -15.14 -20.55
C PHE B 72 13.07 -16.43 -20.74
N GLN B 73 12.07 -16.62 -19.88
CA GLN B 73 11.10 -17.68 -20.12
C GLN B 73 10.54 -17.47 -21.51
N ASP B 74 10.37 -18.62 -22.17
CA ASP B 74 9.79 -18.74 -23.51
C ASP B 74 10.42 -17.79 -24.48
N LYS B 75 11.73 -17.86 -24.58
CA LYS B 75 12.52 -17.01 -25.47
C LYS B 75 11.96 -16.90 -26.90
N HIS B 76 11.52 -18.02 -27.46
CA HIS B 76 10.98 -18.02 -28.80
C HIS B 76 9.82 -17.03 -29.01
N LYS B 77 9.16 -16.55 -27.94
CA LYS B 77 8.07 -15.60 -28.02
C LYS B 77 8.56 -14.21 -27.62
N ALA B 78 9.87 -14.06 -27.33
CA ALA B 78 10.36 -12.76 -26.91
C ALA B 78 10.66 -11.84 -28.09
N HIS B 79 10.31 -10.57 -27.94
CA HIS B 79 10.62 -9.52 -28.91
C HIS B 79 11.17 -8.31 -28.19
N PHE B 80 12.07 -7.59 -28.85
CA PHE B 80 12.71 -6.41 -28.29
C PHE B 80 12.52 -5.26 -29.27
N CYS B 81 12.10 -4.10 -28.76
CA CYS B 81 12.00 -2.92 -29.60
C CYS B 81 12.56 -1.72 -28.85
N ASN B 82 12.69 -0.60 -29.55
CA ASN B 82 13.26 0.60 -28.95
C ASN B 82 12.22 1.23 -28.02
N GLY B 83 12.65 1.57 -26.81
CA GLY B 83 11.81 2.31 -25.89
C GLY B 83 11.81 3.79 -26.22
N GLY B 84 11.04 4.51 -25.48
CA GLY B 84 10.94 5.93 -25.70
C GLY B 84 11.39 6.75 -24.51
N VAL B 85 11.15 8.03 -24.59
CA VAL B 85 11.56 8.89 -23.52
C VAL B 85 10.77 8.64 -22.25
N GLU B 86 9.48 8.63 -22.41
CA GLU B 86 8.56 8.43 -21.37
C GLU B 86 7.97 6.99 -21.57
N ARG B 87 7.41 6.44 -20.53
CA ARG B 87 6.77 5.17 -20.62
C ARG B 87 5.71 5.07 -21.72
N VAL B 88 4.91 6.10 -21.90
CA VAL B 88 3.86 6.04 -22.91
C VAL B 88 4.47 5.90 -24.30
N HIS B 89 5.63 6.52 -24.53
CA HIS B 89 6.30 6.37 -25.83
C HIS B 89 6.81 4.95 -26.01
N SER B 90 7.37 4.36 -24.96
CA SER B 90 7.81 2.96 -25.04
C SER B 90 6.64 2.05 -25.39
N VAL B 91 5.49 2.29 -24.76
CA VAL B 91 4.30 1.49 -25.06
C VAL B 91 3.86 1.71 -26.50
N LEU B 92 3.81 2.97 -26.95
CA LEU B 92 3.40 3.26 -28.32
C LEU B 92 4.33 2.59 -29.32
N ASN B 93 5.65 2.68 -29.09
CA ASN B 93 6.60 1.98 -29.94
C ASN B 93 6.29 0.50 -30.01
N ALA B 94 6.04 -0.12 -28.85
CA ALA B 94 5.76 -1.54 -28.81
C ALA B 94 4.45 -1.87 -29.54
N LEU B 95 3.46 -0.99 -29.46
CA LEU B 95 2.21 -1.22 -30.18
C LEU B 95 2.41 -1.12 -31.67
N ASN B 96 3.25 -0.18 -32.12
CA ASN B 96 3.57 -0.09 -33.54
C ASN B 96 4.35 -1.30 -34.02
N TYR B 97 5.23 -1.83 -33.17
CA TYR B 97 5.90 -3.08 -33.47
C TYR B 97 4.89 -4.22 -33.58
N LEU B 98 4.05 -4.38 -32.55
CA LEU B 98 3.06 -5.45 -32.55
C LEU B 98 2.12 -5.36 -33.74
N SER B 99 1.80 -4.13 -34.16
CA SER B 99 0.87 -3.95 -35.27
C SER B 99 1.35 -4.63 -36.54
N GLN B 100 2.65 -4.88 -36.68
CA GLN B 100 3.18 -5.51 -37.87
C GLN B 100 3.32 -7.02 -37.74
N ILE B 101 3.05 -7.59 -36.57
CA ILE B 101 3.06 -9.03 -36.39
C ILE B 101 1.75 -9.57 -35.83
N ALA B 102 0.79 -8.72 -35.57
CA ALA B 102 -0.47 -9.16 -34.99
C ALA B 102 -1.63 -8.43 -35.64
N ASP B 103 -2.87 -8.81 -35.33
CA ASP B 103 -4.08 -8.17 -35.83
C ASP B 103 -4.47 -7.03 -34.92
N GLU B 104 -5.07 -5.97 -35.45
CA GLU B 104 -5.48 -4.83 -34.62
C GLU B 104 -6.49 -5.14 -33.48
N ASP B 105 -7.27 -6.21 -33.64
CA ASP B 105 -8.26 -6.59 -32.65
C ASP B 105 -7.74 -7.64 -31.72
N ASP B 106 -6.43 -7.95 -31.76
CA ASP B 106 -5.90 -8.81 -30.77
C ASP B 106 -5.71 -7.99 -29.45
N TRP B 107 -5.67 -8.70 -28.32
CA TRP B 107 -5.52 -8.07 -27.03
C TRP B 107 -4.07 -7.97 -26.57
N VAL B 108 -3.72 -6.85 -25.96
CA VAL B 108 -2.36 -6.63 -25.46
C VAL B 108 -2.46 -6.26 -23.99
N LEU B 109 -1.65 -6.93 -23.17
CA LEU B 109 -1.50 -6.62 -21.76
C LEU B 109 -0.22 -5.81 -21.58
N VAL B 110 -0.36 -4.58 -21.12
CA VAL B 110 0.79 -3.72 -20.82
C VAL B 110 1.08 -3.83 -19.34
N HIS B 111 2.32 -4.20 -19.00
CA HIS B 111 2.62 -4.55 -17.62
C HIS B 111 3.94 -3.94 -17.17
N ASP B 112 3.94 -3.42 -15.94
CA ASP B 112 5.15 -2.87 -15.33
C ASP B 112 6.23 -3.94 -15.19
N ALA B 113 7.44 -3.61 -15.64
CA ALA B 113 8.57 -4.51 -15.43
C ALA B 113 8.80 -4.78 -13.96
N ALA B 114 8.50 -3.80 -13.09
CA ALA B 114 8.80 -3.89 -11.67
C ALA B 114 7.65 -4.48 -10.85
N ARG B 115 6.73 -5.21 -11.48
CA ARG B 115 5.65 -5.89 -10.77
C ARG B 115 5.84 -7.36 -11.13
N PRO B 116 6.61 -8.11 -10.33
CA PRO B 116 6.89 -9.52 -10.67
C PRO B 116 5.95 -10.42 -9.90
N CYS B 117 5.18 -9.88 -8.95
CA CYS B 117 4.39 -10.69 -8.03
C CYS B 117 2.92 -10.81 -8.42
N VAL B 118 2.51 -10.21 -9.55
CA VAL B 118 1.14 -10.40 -10.02
C VAL B 118 0.85 -11.89 -10.14
N THR B 119 -0.33 -12.30 -9.68
CA THR B 119 -0.64 -13.71 -9.64
C THR B 119 -1.26 -14.18 -10.96
N PHE B 120 -1.03 -15.46 -11.26
CA PHE B 120 -1.65 -16.08 -12.42
C PHE B 120 -3.17 -16.00 -12.36
N GLU B 121 -3.73 -16.17 -11.16
CA GLU B 121 -5.19 -16.07 -11.01
C GLU B 121 -5.70 -14.69 -11.38
N CYS B 122 -4.98 -13.64 -10.96
CA CYS B 122 -5.38 -12.28 -11.30
C CYS B 122 -5.23 -12.02 -12.80
N LEU B 123 -4.15 -12.53 -13.40
CA LEU B 123 -3.99 -12.41 -14.85
C LEU B 123 -5.14 -13.07 -15.59
N ASN B 124 -5.51 -14.29 -15.17
CA ASN B 124 -6.59 -15.03 -15.81
C ASN B 124 -7.91 -14.29 -15.68
N THR B 125 -8.19 -13.75 -14.49
CA THR B 125 -9.42 -13.02 -14.28
C THR B 125 -9.48 -11.75 -15.12
N LEU B 126 -8.37 -11.03 -15.19
CA LEU B 126 -8.31 -9.83 -16.02
C LEU B 126 -8.59 -10.15 -17.48
N VAL B 127 -7.91 -11.17 -18.02
CA VAL B 127 -8.11 -11.55 -19.42
C VAL B 127 -9.55 -11.96 -19.66
N LYS B 128 -10.10 -12.78 -18.75
CA LYS B 128 -11.47 -13.24 -18.89
C LYS B 128 -12.45 -12.07 -18.91
N ASN B 129 -12.31 -11.15 -17.95
CA ASN B 129 -13.20 -9.98 -17.91
C ASN B 129 -13.16 -9.20 -19.22
N ALA B 130 -11.96 -8.94 -19.74
CA ALA B 130 -11.84 -8.15 -20.96
C ALA B 130 -12.55 -8.83 -22.13
N ILE B 131 -12.35 -10.15 -22.27
CA ILE B 131 -12.96 -10.87 -23.39
C ILE B 131 -14.47 -10.85 -23.28
N GLU B 132 -15.01 -11.11 -22.08
CA GLU B 132 -16.45 -11.20 -21.91
C GLU B 132 -17.13 -9.84 -22.10
N THR B 133 -16.57 -8.79 -21.50
CA THR B 133 -17.14 -7.46 -21.68
C THR B 133 -16.79 -6.84 -23.02
N ASN B 134 -15.81 -7.41 -23.75
CA ASN B 134 -15.31 -6.83 -24.99
C ASN B 134 -14.79 -5.41 -24.77
N GLN B 135 -14.24 -5.14 -23.60
CA GLN B 135 -13.80 -3.79 -23.27
C GLN B 135 -12.50 -3.85 -22.48
N SER B 136 -11.78 -2.72 -22.48
CA SER B 136 -10.53 -2.60 -21.77
C SER B 136 -10.73 -2.78 -20.26
N ALA B 137 -9.66 -3.17 -19.59
CA ALA B 137 -9.72 -3.41 -18.14
C ALA B 137 -8.32 -3.27 -17.55
N ILE B 138 -8.28 -3.00 -16.24
CA ILE B 138 -7.02 -2.98 -15.50
C ILE B 138 -7.20 -3.70 -14.18
N LEU B 139 -6.10 -4.23 -13.65
CA LEU B 139 -6.08 -4.62 -12.25
C LEU B 139 -5.97 -3.38 -11.39
N ALA B 140 -6.70 -3.38 -10.27
CA ALA B 140 -6.67 -2.27 -9.34
C ALA B 140 -7.16 -2.77 -7.97
N ILE B 141 -6.79 -2.04 -6.93
CA ILE B 141 -7.29 -2.36 -5.60
C ILE B 141 -7.84 -1.08 -4.96
N PRO B 142 -8.86 -1.17 -4.12
CA PRO B 142 -9.37 0.03 -3.45
C PRO B 142 -8.31 0.60 -2.52
N VAL B 143 -8.31 1.93 -2.38
CA VAL B 143 -7.44 2.58 -1.41
C VAL B 143 -7.93 2.23 -0.01
N ARG B 144 -7.06 1.64 0.80
CA ARG B 144 -7.40 1.26 2.16
C ARG B 144 -6.74 2.12 3.23
N ASP B 145 -5.62 2.76 2.90
CA ASP B 145 -4.90 3.61 3.83
C ASP B 145 -5.49 5.01 3.78
N THR B 146 -5.43 5.71 4.91
CA THR B 146 -5.83 7.12 4.92
C THR B 146 -4.80 7.94 4.14
N LEU B 147 -5.29 8.79 3.24
CA LEU B 147 -4.41 9.57 2.37
C LEU B 147 -4.15 10.94 2.97
N LYS B 148 -2.89 11.37 2.88
CA LYS B 148 -2.46 12.66 3.39
C LYS B 148 -1.80 13.45 2.25
N GLN B 149 -2.17 14.71 2.12
CA GLN B 149 -1.43 15.63 1.28
C GLN B 149 -0.29 16.21 2.11
N VAL B 150 0.93 16.09 1.60
CA VAL B 150 2.14 16.39 2.37
C VAL B 150 2.96 17.42 1.61
N ASN B 151 3.40 18.46 2.30
CA ASN B 151 4.14 19.53 1.65
C ASN B 151 5.62 19.20 1.59
N GLN B 152 6.38 20.06 0.92
CA GLN B 152 7.80 19.81 0.69
C GLN B 152 8.60 19.70 1.98
N GLU B 153 8.08 20.19 3.07
CA GLU B 153 8.74 20.09 4.33
C GLU B 153 8.30 18.81 5.14
N GLN B 154 7.64 17.89 4.46
CA GLN B 154 7.15 16.65 5.07
C GLN B 154 6.18 16.92 6.22
N GLN B 155 5.45 18.03 6.15
CA GLN B 155 4.38 18.33 7.07
C GLN B 155 3.05 18.01 6.38
N ILE B 156 2.09 17.50 7.14
CA ILE B 156 0.79 17.17 6.56
C ILE B 156 -0.01 18.45 6.33
N ASP B 157 -0.59 18.60 5.17
CA ASP B 157 -1.45 19.78 4.88
C ASP B 157 -2.85 19.37 5.26
N LYS B 158 -3.33 18.25 4.72
CA LYS B 158 -4.68 17.76 4.99
C LYS B 158 -4.90 16.31 4.58
N THR B 159 -5.91 15.71 5.17
CA THR B 159 -6.31 14.36 4.80
C THR B 159 -7.16 14.47 3.52
N VAL B 160 -6.97 13.53 2.64
CA VAL B 160 -7.66 13.49 1.35
C VAL B 160 -8.59 12.28 1.33
N SER B 161 -9.81 12.51 0.86
CA SER B 161 -10.80 11.45 0.80
C SER B 161 -10.36 10.35 -0.12
N ARG B 162 -10.50 9.11 0.37
CA ARG B 162 -10.17 7.93 -0.43
C ARG B 162 -11.42 7.40 -1.13
N GLU B 163 -12.54 8.09 -0.93
CA GLU B 163 -13.82 7.72 -1.51
C GLU B 163 -13.71 7.48 -3.00
N LEU B 164 -14.19 6.30 -3.38
CA LEU B 164 -14.22 5.83 -4.75
C LEU B 164 -12.86 5.76 -5.45
N LEU B 165 -11.77 5.85 -4.70
CA LEU B 165 -10.41 5.81 -5.19
C LEU B 165 -9.88 4.39 -5.16
N TRP B 166 -9.24 4.00 -6.26
CA TRP B 166 -8.56 2.73 -6.39
C TRP B 166 -7.13 3.03 -6.81
N GLN B 167 -6.20 2.19 -6.37
CA GLN B 167 -4.82 2.26 -6.84
C GLN B 167 -4.73 1.40 -8.09
N ALA B 168 -4.47 2.04 -9.23
CA ALA B 168 -4.29 1.29 -10.46
C ALA B 168 -3.04 0.44 -10.36
N GLN B 169 -3.16 -0.81 -10.80
CA GLN B 169 -2.03 -1.70 -10.96
C GLN B 169 -1.94 -2.08 -12.43
N THR B 170 -1.04 -3.00 -12.75
CA THR B 170 -0.95 -3.60 -14.07
C THR B 170 -1.01 -5.12 -13.95
N PRO B 171 -1.34 -5.83 -15.05
CA PRO B 171 -1.54 -5.37 -16.42
C PRO B 171 -2.77 -4.51 -16.65
N GLN B 172 -2.68 -3.76 -17.73
CA GLN B 172 -3.78 -2.99 -18.28
C GLN B 172 -3.97 -3.51 -19.69
N ILE B 173 -5.17 -3.99 -20.00
CA ILE B 173 -5.42 -4.76 -21.21
C ILE B 173 -6.40 -4.03 -22.10
N ALA B 174 -6.12 -4.03 -23.40
CA ALA B 174 -6.97 -3.41 -24.40
C ALA B 174 -6.62 -4.03 -25.74
N LYS B 175 -7.48 -3.78 -26.72
CA LYS B 175 -7.17 -4.20 -28.09
C LYS B 175 -6.08 -3.31 -28.65
N ILE B 176 -5.19 -3.92 -29.45
CA ILE B 176 -4.00 -3.20 -29.93
C ILE B 176 -4.40 -1.93 -30.68
N GLY B 177 -5.32 -2.05 -31.64
CA GLY B 177 -5.67 -0.90 -32.45
C GLY B 177 -6.30 0.22 -31.64
N ILE B 178 -7.18 -0.14 -30.71
CA ILE B 178 -7.87 0.86 -29.89
C ILE B 178 -6.88 1.58 -28.99
N LEU B 179 -6.08 0.81 -28.24
CA LEU B 179 -5.12 1.43 -27.34
C LEU B 179 -4.11 2.22 -28.13
N LYS B 180 -3.68 1.83 -29.31
CA LYS B 180 -2.72 2.59 -30.11
C LYS B 180 -3.31 3.96 -30.50
N LYS B 181 -4.57 3.93 -30.93
CA LYS B 181 -5.28 5.12 -31.33
C LYS B 181 -5.44 6.06 -30.15
N ALA B 182 -5.85 5.50 -29.01
CA ALA B 182 -6.02 6.31 -27.82
C ALA B 182 -4.74 7.08 -27.46
N ILE B 183 -3.62 6.36 -27.42
CA ILE B 183 -2.34 6.96 -27.08
C ILE B 183 -1.94 7.99 -28.12
N GLU B 184 -2.22 7.66 -29.38
CA GLU B 184 -1.91 8.54 -30.49
C GLU B 184 -2.76 9.80 -30.44
N THR B 185 -4.03 9.64 -30.06
CA THR B 185 -4.93 10.78 -29.97
C THR B 185 -4.56 11.71 -28.81
N ALA B 186 -4.22 11.12 -27.67
CA ALA B 186 -3.85 11.87 -26.48
C ALA B 186 -2.58 12.67 -26.68
N LEU B 187 -1.61 12.07 -27.34
CA LEU B 187 -0.34 12.71 -27.64
C LEU B 187 -0.46 13.79 -28.73
N LYS B 188 -1.25 13.61 -29.78
CA LYS B 188 -1.36 14.68 -30.79
C LYS B 188 -2.13 15.86 -30.21
N ASN B 189 -2.98 15.62 -29.24
CA ASN B 189 -3.75 16.62 -28.58
C ASN B 189 -3.19 17.19 -27.29
N ASN B 190 -1.94 16.88 -26.92
CA ASN B 190 -1.34 17.36 -25.68
C ASN B 190 -2.13 17.13 -24.39
N LEU B 191 -2.65 15.92 -24.24
CA LEU B 191 -3.38 15.54 -23.03
C LEU B 191 -2.39 14.82 -22.13
N THR B 192 -2.47 15.08 -20.83
CA THR B 192 -1.58 14.44 -19.87
C THR B 192 -1.88 12.94 -19.79
N ILE B 193 -0.84 12.12 -20.01
CA ILE B 193 -1.00 10.68 -19.97
C ILE B 193 -0.12 10.03 -18.90
N THR B 194 -0.68 9.06 -18.18
CA THR B 194 0.04 8.36 -17.13
C THR B 194 0.14 6.88 -17.47
N ASP B 195 -1.01 6.21 -17.48
CA ASP B 195 -1.07 4.78 -17.80
C ASP B 195 -1.93 4.57 -19.04
N GLU B 196 -2.13 3.31 -19.42
CA GLU B 196 -2.93 2.99 -20.59
C GLU B 196 -4.39 3.38 -20.35
N ALA B 197 -4.89 3.15 -19.13
CA ALA B 197 -6.24 3.57 -18.81
C ALA B 197 -6.42 5.06 -19.06
N SER B 198 -5.43 5.87 -18.68
CA SER B 198 -5.55 7.31 -18.88
C SER B 198 -5.57 7.69 -20.35
N ALA B 199 -4.85 6.96 -21.21
CA ALA B 199 -4.89 7.24 -22.63
C ALA B 199 -6.25 6.86 -23.22
N LEU B 200 -6.77 5.67 -22.85
CA LEU B 200 -8.09 5.25 -23.30
C LEU B 200 -9.15 6.22 -22.83
N GLU B 201 -9.02 6.81 -21.65
CA GLU B 201 -9.94 7.84 -21.04
C GLU B 201 -10.04 9.04 -21.94
N SER B 202 -8.92 9.39 -22.52
CA SER B 202 -8.87 10.56 -23.39
C SER B 202 -9.74 10.43 -24.65
N ILE B 203 -10.06 9.23 -25.09
CA ILE B 203 -10.91 9.03 -26.26
C ILE B 203 -12.25 8.43 -25.88
N GLY B 204 -12.61 8.47 -24.60
CA GLY B 204 -13.93 8.04 -24.17
C GLY B 204 -14.14 6.55 -24.15
N GLU B 205 -13.08 5.75 -24.16
CA GLU B 205 -13.22 4.31 -24.06
C GLU B 205 -13.41 3.92 -22.59
N SER B 206 -14.40 3.05 -22.34
CA SER B 206 -14.63 2.57 -20.99
C SER B 206 -13.53 1.60 -20.57
N VAL B 207 -13.13 1.71 -19.30
CA VAL B 207 -12.12 0.82 -18.73
C VAL B 207 -12.68 0.28 -17.42
N GLN B 208 -12.79 -1.04 -17.31
CA GLN B 208 -13.29 -1.69 -16.12
C GLN B 208 -12.13 -2.01 -15.19
N VAL B 209 -12.39 -1.99 -13.89
CA VAL B 209 -11.38 -2.37 -12.91
C VAL B 209 -11.63 -3.80 -12.49
N VAL B 210 -10.56 -4.57 -12.39
CA VAL B 210 -10.58 -5.95 -11.92
C VAL B 210 -9.73 -6.01 -10.67
N MET B 211 -10.24 -6.68 -9.63
CA MET B 211 -9.55 -6.71 -8.34
C MET B 211 -8.14 -7.27 -8.47
N GLY B 212 -7.15 -6.47 -8.09
CA GLY B 212 -5.77 -6.90 -7.98
C GLY B 212 -5.46 -7.45 -6.61
N ARG B 213 -4.23 -7.26 -6.17
CA ARG B 213 -3.82 -7.70 -4.84
C ARG B 213 -2.90 -6.66 -4.22
N SER B 214 -3.00 -6.54 -2.89
CA SER B 214 -2.10 -5.64 -2.18
C SER B 214 -0.64 -6.06 -2.35
N ASP B 215 -0.39 -7.35 -2.61
CA ASP B 215 0.99 -7.80 -2.79
C ASP B 215 1.45 -7.75 -4.24
N ASN B 216 0.69 -7.14 -5.14
CA ASN B 216 1.15 -6.87 -6.50
C ASN B 216 1.95 -5.57 -6.46
N ILE B 217 3.11 -5.64 -5.82
CA ILE B 217 3.82 -4.42 -5.46
C ILE B 217 4.62 -3.98 -6.68
N LYS B 218 4.80 -2.67 -6.81
CA LYS B 218 5.61 -2.12 -7.87
C LYS B 218 6.91 -1.77 -7.11
N ILE B 219 7.99 -2.48 -7.45
CA ILE B 219 9.27 -2.33 -6.77
C ILE B 219 9.81 -0.92 -7.04
N THR B 220 10.00 -0.15 -5.97
CA THR B 220 10.28 1.27 -6.09
C THR B 220 11.55 1.63 -5.32
N TYR B 221 11.66 1.16 -4.09
CA TYR B 221 12.82 1.41 -3.25
C TYR B 221 13.68 0.16 -3.16
N PRO B 222 14.97 0.33 -2.83
CA PRO B 222 15.87 -0.84 -2.74
C PRO B 222 15.34 -1.94 -1.85
N ASP B 223 14.75 -1.59 -0.71
CA ASP B 223 14.27 -2.63 0.19
C ASP B 223 13.04 -3.35 -0.36
N ASP B 224 12.41 -2.83 -1.42
CA ASP B 224 11.27 -3.53 -2.01
C ASP B 224 11.68 -4.85 -2.64
N LEU B 225 12.94 -4.98 -3.05
CA LEU B 225 13.41 -6.25 -3.60
C LEU B 225 13.27 -7.38 -2.59
N GLU B 226 13.65 -7.13 -1.34
CA GLU B 226 13.47 -8.14 -0.30
C GLU B 226 12.00 -8.48 -0.12
N LEU B 227 11.15 -7.44 -0.05
CA LEU B 227 9.72 -7.68 0.13
C LEU B 227 9.16 -8.49 -1.03
N ALA B 228 9.54 -8.15 -2.26
CA ALA B 228 9.09 -8.92 -3.41
C ALA B 228 9.56 -10.37 -3.33
N ARG B 229 10.80 -10.59 -2.86
CA ARG B 229 11.27 -11.95 -2.65
C ARG B 229 10.36 -12.71 -1.70
N LEU B 230 10.02 -12.08 -0.56
CA LEU B 230 9.17 -12.75 0.42
C LEU B 230 7.76 -12.95 -0.11
N ILE B 231 7.24 -11.98 -0.88
CA ILE B 231 5.91 -12.14 -1.44
C ILE B 231 5.87 -13.35 -2.37
N LEU B 232 6.85 -13.45 -3.26
CA LEU B 232 6.91 -14.59 -4.16
C LEU B 232 6.97 -15.89 -3.36
N GLN B 233 7.72 -15.89 -2.25
CA GLN B 233 7.75 -17.07 -1.40
C GLN B 233 6.43 -17.25 -0.65
N SER B 234 5.80 -16.19 -0.16
CA SER B 234 4.53 -16.28 0.57
C SER B 234 3.38 -16.74 -0.24
N GLN B 235 3.52 -16.64 -1.54
CA GLN B 235 2.52 -17.06 -2.46
C GLN B 235 2.67 -18.60 -2.67
C1 GOL C . -3.90 4.60 8.67
O1 GOL C . -3.92 4.42 7.27
C2 GOL C . -4.56 3.39 9.36
O2 GOL C . -3.66 2.32 9.39
C3 GOL C . -4.98 3.68 10.79
O3 GOL C . -5.52 2.50 11.32
C1 GOL D . 9.71 1.60 1.19
O1 GOL D . 8.90 0.99 0.23
C2 GOL D . 10.68 0.57 1.74
O2 GOL D . 9.95 -0.32 2.54
C3 GOL D . 11.79 1.19 2.60
O3 GOL D . 12.55 2.03 1.78
C1 GOL E . -0.11 -2.44 -3.78
O1 GOL E . 0.76 -2.69 -2.71
C2 GOL E . 0.73 -2.14 -5.03
O2 GOL E . -0.10 -1.51 -5.97
C3 GOL E . 1.93 -1.22 -4.72
O3 GOL E . 2.51 -0.79 -5.93
C1 GOL F . -0.33 2.18 -12.32
O1 GOL F . -0.26 2.61 -11.00
C2 GOL F . 1.07 2.24 -12.90
O2 GOL F . 1.88 1.33 -12.18
C3 GOL F . 1.13 1.85 -14.37
O3 GOL F . 2.25 2.49 -14.91
#